data_2RN1
#
_entry.id   2RN1
#
loop_
_entity.id
_entity.type
_entity.pdbx_description
1 polymer "RNA (5'-R(P*GP*AP*GP*CP*CP*CP*UP*GP*GP*GP*AP*GP*GP*CP*UP*C)-3')"
2 polymer "RNA (5'-R(P*GP*CP*UP*GP*GP*UP*CP*CP*CP*AP*GP*AP*CP*AP*GP*C)-3')"
#
loop_
_entity_poly.entity_id
_entity_poly.type
_entity_poly.pdbx_seq_one_letter_code
_entity_poly.pdbx_strand_id
1 'polyribonucleotide' GAGCCCUGGGAGGCUC A
2 'polyribonucleotide' GCUGGUCCCAGACAGC B
#